data_2EMQ
#
_entry.id   2EMQ
#
_cell.length_a   56.194
_cell.length_b   56.194
_cell.length_c   211.224
_cell.angle_alpha   90.000
_cell.angle_beta   90.000
_cell.angle_gamma   120.000
#
_symmetry.space_group_name_H-M   'P 65'
#
loop_
_entity.id
_entity.type
_entity.pdbx_description
1 polymer 'Hypothetical conserved protein'
2 water water
#
_entity_poly.entity_id   1
_entity_poly.type   'polypeptide(L)'
_entity_poly.pdbx_seq_one_letter_code
;MTWEHNEFMQMTVKPFLIPADKVAHVQPGNYLDHALLVLTKTGYSAIPVLDTSYKLHGLISMTMMMDAILGLERIEFERL
ETMKVEEVMNRNIPRLRLDDSLMKAVGLIVNHPFVCVENDDGYFAGIFTRREVLKQLNKQLHRPNGGRKLGRKEAEQ
;
_entity_poly.pdbx_strand_id   A,B
#
# COMPACT_ATOMS: atom_id res chain seq x y z
N GLN A 10 -21.86 -17.33 -11.87
CA GLN A 10 -20.54 -17.29 -11.17
C GLN A 10 -19.44 -16.76 -12.11
N MET A 11 -19.07 -15.50 -11.92
CA MET A 11 -18.07 -14.88 -12.74
C MET A 11 -16.69 -15.39 -12.35
N THR A 12 -15.69 -15.06 -13.15
CA THR A 12 -14.33 -15.50 -12.89
C THR A 12 -13.32 -14.33 -12.93
N VAL A 13 -12.09 -14.61 -12.55
CA VAL A 13 -11.05 -13.58 -12.50
C VAL A 13 -10.70 -12.91 -13.83
N LYS A 14 -10.55 -13.72 -14.87
CA LYS A 14 -10.19 -13.25 -16.22
C LYS A 14 -10.72 -11.87 -16.66
N PRO A 15 -11.91 -11.47 -16.21
CA PRO A 15 -12.50 -10.18 -16.58
C PRO A 15 -11.98 -8.89 -15.89
N PHE A 16 -11.53 -8.98 -14.64
CA PHE A 16 -11.03 -7.79 -13.94
C PHE A 16 -9.51 -7.71 -13.93
N LEU A 17 -8.87 -8.76 -14.44
CA LEU A 17 -7.41 -8.83 -14.45
C LEU A 17 -6.65 -7.81 -15.29
N ILE A 18 -5.69 -7.14 -14.65
CA ILE A 18 -4.84 -6.18 -15.34
C ILE A 18 -3.71 -7.06 -15.88
N PRO A 19 -3.53 -7.09 -17.21
CA PRO A 19 -2.47 -7.92 -17.80
C PRO A 19 -1.06 -7.63 -17.29
N ALA A 20 -0.23 -8.67 -17.29
CA ALA A 20 1.15 -8.58 -16.83
C ALA A 20 1.96 -7.49 -17.52
N ASP A 21 1.77 -7.35 -18.83
CA ASP A 21 2.49 -6.35 -19.62
C ASP A 21 2.32 -4.94 -19.05
N LYS A 22 1.27 -4.73 -18.27
CA LYS A 22 1.01 -3.43 -17.68
C LYS A 22 1.40 -3.39 -16.20
N VAL A 23 2.12 -4.40 -15.75
CA VAL A 23 2.53 -4.47 -14.35
C VAL A 23 4.05 -4.56 -14.22
N ALA A 24 4.62 -3.72 -13.37
CA ALA A 24 6.05 -3.72 -13.15
C ALA A 24 6.43 -4.94 -12.31
N HIS A 25 7.64 -5.44 -12.54
CA HIS A 25 8.13 -6.60 -11.81
C HIS A 25 9.65 -6.51 -11.74
N VAL A 26 10.26 -7.42 -11.00
CA VAL A 26 11.71 -7.45 -10.89
C VAL A 26 12.20 -8.89 -10.84
N GLN A 27 13.43 -9.10 -11.27
CA GLN A 27 14.01 -10.43 -11.28
C GLN A 27 14.63 -10.78 -9.94
N PRO A 28 14.45 -12.03 -9.48
CA PRO A 28 14.97 -12.53 -8.21
C PRO A 28 16.48 -12.34 -7.98
N GLY A 29 17.20 -11.91 -9.01
CA GLY A 29 18.63 -11.71 -8.87
C GLY A 29 19.04 -10.25 -8.89
N ASN A 30 18.05 -9.37 -8.99
CA ASN A 30 18.30 -7.94 -9.01
C ASN A 30 18.69 -7.48 -7.61
N TYR A 31 19.52 -6.44 -7.54
CA TYR A 31 19.93 -5.92 -6.25
C TYR A 31 18.77 -5.12 -5.65
N LEU A 32 18.64 -5.18 -4.32
CA LEU A 32 17.57 -4.48 -3.63
C LEU A 32 17.43 -3.02 -4.05
N ASP A 33 18.54 -2.31 -4.14
CA ASP A 33 18.52 -0.90 -4.53
C ASP A 33 17.78 -0.70 -5.85
N HIS A 34 17.76 -1.75 -6.69
CA HIS A 34 17.06 -1.66 -7.97
C HIS A 34 15.56 -1.80 -7.75
N ALA A 35 15.18 -2.82 -6.98
CA ALA A 35 13.78 -3.07 -6.67
C ALA A 35 13.26 -1.84 -5.94
N LEU A 36 14.12 -1.26 -5.10
CA LEU A 36 13.77 -0.09 -4.33
C LEU A 36 13.40 1.05 -5.28
N LEU A 37 14.21 1.24 -6.32
CA LEU A 37 13.99 2.28 -7.29
C LEU A 37 12.65 2.09 -8.02
N VAL A 38 12.40 0.88 -8.49
CA VAL A 38 11.16 0.58 -9.21
C VAL A 38 9.94 0.79 -8.31
N LEU A 39 9.99 0.27 -7.10
CA LEU A 39 8.88 0.40 -6.17
C LEU A 39 8.53 1.87 -5.93
N THR A 40 9.56 2.70 -5.83
CA THR A 40 9.37 4.12 -5.61
C THR A 40 8.59 4.77 -6.76
N LYS A 41 8.77 4.25 -7.97
CA LYS A 41 8.10 4.82 -9.13
C LYS A 41 6.83 4.13 -9.62
N THR A 42 6.47 3.00 -9.01
CA THR A 42 5.24 2.32 -9.39
C THR A 42 4.21 2.83 -8.39
N GLY A 43 2.95 2.45 -8.55
CA GLY A 43 1.93 2.90 -7.62
C GLY A 43 1.40 1.76 -6.77
N TYR A 44 2.19 0.71 -6.60
CA TYR A 44 1.77 -0.45 -5.83
C TYR A 44 2.59 -0.71 -4.57
N SER A 45 1.96 -1.37 -3.60
CA SER A 45 2.57 -1.72 -2.32
C SER A 45 3.74 -2.69 -2.49
N ALA A 46 3.54 -3.69 -3.33
CA ALA A 46 4.57 -4.70 -3.59
C ALA A 46 4.68 -4.90 -5.09
N ILE A 47 5.70 -5.63 -5.51
CA ILE A 47 5.90 -5.92 -6.92
C ILE A 47 6.22 -7.39 -7.12
N PRO A 48 5.63 -8.00 -8.16
CA PRO A 48 5.86 -9.41 -8.47
C PRO A 48 7.32 -9.66 -8.79
N VAL A 49 7.83 -10.82 -8.38
CA VAL A 49 9.20 -11.21 -8.65
C VAL A 49 9.14 -12.34 -9.66
N LEU A 50 9.51 -12.03 -10.90
CA LEU A 50 9.48 -13.03 -11.95
C LEU A 50 10.87 -13.37 -12.43
N ASP A 51 11.09 -14.64 -12.73
CA ASP A 51 12.40 -15.02 -13.24
C ASP A 51 12.41 -14.70 -14.71
N THR A 52 13.40 -15.28 -15.40
CA THR A 52 13.59 -15.08 -16.82
C THR A 52 12.49 -15.75 -17.66
N SER A 53 11.91 -16.81 -17.13
CA SER A 53 10.86 -17.56 -17.81
C SER A 53 9.49 -16.88 -17.62
N TYR A 54 9.45 -15.88 -16.74
CA TYR A 54 8.22 -15.15 -16.44
C TYR A 54 7.40 -15.90 -15.40
N LYS A 55 8.05 -16.79 -14.66
CA LYS A 55 7.40 -17.57 -13.62
C LYS A 55 7.43 -16.76 -12.32
N LEU A 56 6.26 -16.59 -11.71
CA LEU A 56 6.14 -15.84 -10.46
C LEU A 56 6.85 -16.54 -9.30
N HIS A 57 7.73 -15.80 -8.63
CA HIS A 57 8.48 -16.33 -7.49
C HIS A 57 8.04 -15.73 -6.17
N GLY A 58 7.37 -14.58 -6.24
CA GLY A 58 6.92 -13.94 -5.03
C GLY A 58 6.77 -12.44 -5.16
N LEU A 59 6.59 -11.79 -4.02
CA LEU A 59 6.43 -10.35 -3.98
C LEU A 59 7.49 -9.74 -3.08
N ILE A 60 7.81 -8.49 -3.34
CA ILE A 60 8.77 -7.78 -2.52
C ILE A 60 8.26 -6.35 -2.37
N SER A 61 8.39 -5.83 -1.17
CA SER A 61 7.95 -4.48 -0.87
C SER A 61 9.07 -3.79 -0.11
N MET A 62 8.91 -2.49 0.14
CA MET A 62 9.93 -1.76 0.86
C MET A 62 10.05 -2.18 2.33
N THR A 63 8.92 -2.58 2.92
CA THR A 63 8.92 -3.03 4.30
C THR A 63 9.80 -4.29 4.40
N MET A 64 9.71 -5.15 3.39
CA MET A 64 10.49 -6.37 3.35
C MET A 64 11.98 -6.07 3.37
N MET A 65 12.39 -5.11 2.53
CA MET A 65 13.79 -4.72 2.44
C MET A 65 14.28 -4.07 3.73
N MET A 66 13.63 -2.99 4.13
CA MET A 66 14.02 -2.29 5.36
C MET A 66 14.12 -3.25 6.54
N ASP A 67 13.15 -4.14 6.63
CA ASP A 67 13.08 -5.12 7.72
C ASP A 67 14.28 -6.07 7.74
N ALA A 68 14.91 -6.26 6.58
CA ALA A 68 16.06 -7.14 6.48
C ALA A 68 17.40 -6.44 6.65
N ILE A 69 17.37 -5.10 6.75
CA ILE A 69 18.59 -4.34 6.93
C ILE A 69 18.59 -3.53 8.21
N LEU A 70 17.66 -3.84 9.11
CA LEU A 70 17.57 -3.14 10.39
C LEU A 70 18.56 -3.71 11.39
N GLY A 71 19.68 -3.02 11.56
CA GLY A 71 20.68 -3.48 12.50
C GLY A 71 20.33 -3.03 13.91
N LEU A 72 21.16 -3.42 14.88
CA LEU A 72 20.92 -3.04 16.26
C LEU A 72 21.27 -1.58 16.48
N GLU A 73 22.30 -1.13 15.78
CA GLU A 73 22.75 0.25 15.91
C GLU A 73 22.33 1.15 14.75
N ARG A 74 21.92 0.55 13.63
CA ARG A 74 21.53 1.36 12.49
C ARG A 74 20.87 0.57 11.36
N ILE A 75 20.18 1.31 10.49
CA ILE A 75 19.53 0.72 9.33
C ILE A 75 20.68 0.60 8.34
N GLU A 76 21.25 -0.60 8.22
CA GLU A 76 22.39 -0.85 7.34
C GLU A 76 22.07 -0.68 5.85
N PHE A 77 21.91 0.57 5.43
CA PHE A 77 21.60 0.89 4.04
C PHE A 77 22.61 0.39 3.01
N GLU A 78 23.87 0.26 3.41
CA GLU A 78 24.90 -0.17 2.48
C GLU A 78 24.60 -1.55 1.87
N ARG A 79 23.80 -2.33 2.57
CA ARG A 79 23.46 -3.68 2.12
C ARG A 79 22.53 -3.76 0.91
N LEU A 80 21.71 -2.73 0.70
CA LEU A 80 20.79 -2.72 -0.44
C LEU A 80 21.53 -2.83 -1.76
N GLU A 81 22.82 -2.49 -1.75
CA GLU A 81 23.64 -2.54 -2.95
C GLU A 81 24.23 -3.91 -3.23
N THR A 82 24.27 -4.77 -2.20
CA THR A 82 24.85 -6.10 -2.36
C THR A 82 23.89 -7.26 -2.19
N MET A 83 22.68 -6.99 -1.68
CA MET A 83 21.69 -8.05 -1.49
C MET A 83 20.75 -8.11 -2.70
N LYS A 84 20.41 -9.32 -3.13
CA LYS A 84 19.50 -9.50 -4.25
C LYS A 84 18.10 -9.69 -3.70
N VAL A 85 17.08 -9.46 -4.53
CA VAL A 85 15.69 -9.57 -4.09
C VAL A 85 15.28 -10.95 -3.59
N GLU A 86 15.86 -12.00 -4.18
CA GLU A 86 15.52 -13.37 -3.79
C GLU A 86 15.75 -13.66 -2.31
N GLU A 87 16.64 -12.91 -1.68
CA GLU A 87 16.96 -13.07 -0.26
C GLU A 87 15.93 -12.43 0.65
N VAL A 88 15.18 -11.49 0.10
CA VAL A 88 14.18 -10.75 0.89
C VAL A 88 12.73 -11.03 0.55
N MET A 89 12.44 -11.24 -0.74
CA MET A 89 11.08 -11.48 -1.19
C MET A 89 10.30 -12.51 -0.39
N ASN A 90 8.98 -12.42 -0.48
CA ASN A 90 8.08 -13.33 0.20
C ASN A 90 7.59 -14.33 -0.84
N ARG A 91 7.82 -15.62 -0.59
CA ARG A 91 7.41 -16.67 -1.52
C ARG A 91 6.03 -17.24 -1.21
N ASN A 92 5.66 -17.22 0.07
CA ASN A 92 4.34 -17.70 0.51
C ASN A 92 3.28 -16.67 0.19
N ILE A 93 2.87 -16.60 -1.06
CA ILE A 93 1.86 -15.62 -1.44
C ILE A 93 0.65 -16.26 -2.10
N PRO A 94 -0.52 -15.61 -2.01
CA PRO A 94 -1.72 -16.17 -2.63
C PRO A 94 -1.58 -16.04 -4.15
N ARG A 95 -2.16 -16.99 -4.87
CA ARG A 95 -2.10 -16.96 -6.33
C ARG A 95 -3.44 -17.40 -6.87
N LEU A 96 -3.96 -16.65 -7.84
CA LEU A 96 -5.25 -16.97 -8.45
C LEU A 96 -5.05 -17.42 -9.89
N ARG A 97 -5.97 -18.23 -10.39
CA ARG A 97 -5.88 -18.70 -11.76
C ARG A 97 -6.85 -17.88 -12.59
N LEU A 98 -6.51 -17.68 -13.86
CA LEU A 98 -7.36 -16.90 -14.76
C LEU A 98 -8.80 -17.38 -14.65
N ASP A 99 -8.96 -18.63 -14.20
CA ASP A 99 -10.28 -19.21 -14.04
C ASP A 99 -10.54 -19.77 -12.65
N ASP A 100 -10.69 -18.85 -11.70
CA ASP A 100 -11.00 -19.18 -10.31
C ASP A 100 -12.31 -18.45 -10.13
N SER A 101 -13.06 -18.80 -9.08
CA SER A 101 -14.33 -18.12 -8.85
C SER A 101 -14.09 -16.68 -8.45
N LEU A 102 -14.98 -15.79 -8.86
CA LEU A 102 -14.86 -14.38 -8.51
C LEU A 102 -14.99 -14.32 -6.98
N MET A 103 -15.86 -15.18 -6.45
CA MET A 103 -16.10 -15.27 -5.01
C MET A 103 -14.77 -15.41 -4.28
N LYS A 104 -13.99 -16.39 -4.72
CA LYS A 104 -12.68 -16.68 -4.14
C LYS A 104 -11.72 -15.49 -4.20
N ALA A 105 -11.73 -14.76 -5.30
CA ALA A 105 -10.86 -13.61 -5.48
C ALA A 105 -11.17 -12.48 -4.50
N VAL A 106 -12.44 -12.14 -4.35
CA VAL A 106 -12.85 -11.08 -3.43
C VAL A 106 -12.43 -11.39 -2.00
N GLY A 107 -12.53 -12.65 -1.60
CA GLY A 107 -12.13 -13.02 -0.26
C GLY A 107 -10.67 -12.67 -0.04
N LEU A 108 -9.85 -12.98 -1.04
CA LEU A 108 -8.42 -12.72 -0.98
C LEU A 108 -8.04 -11.24 -1.00
N ILE A 109 -8.77 -10.40 -1.73
CA ILE A 109 -8.39 -9.00 -1.74
C ILE A 109 -8.93 -8.23 -0.53
N VAL A 110 -9.58 -8.94 0.39
CA VAL A 110 -10.05 -8.27 1.59
C VAL A 110 -8.82 -8.14 2.47
N ASN A 111 -7.92 -9.12 2.35
CA ASN A 111 -6.68 -9.15 3.12
C ASN A 111 -5.45 -8.65 2.35
N HIS A 112 -5.45 -8.80 1.03
CA HIS A 112 -4.30 -8.36 0.25
C HIS A 112 -4.67 -7.23 -0.71
N PRO A 113 -3.88 -6.14 -0.71
CA PRO A 113 -4.18 -5.04 -1.62
C PRO A 113 -4.38 -5.54 -3.05
N PHE A 114 -3.69 -6.63 -3.39
CA PHE A 114 -3.81 -7.23 -4.72
C PHE A 114 -3.18 -8.62 -4.74
N VAL A 115 -3.64 -9.46 -5.67
CA VAL A 115 -3.13 -10.83 -5.78
C VAL A 115 -2.67 -11.15 -7.20
N CYS A 116 -1.58 -11.91 -7.31
CA CYS A 116 -1.02 -12.30 -8.59
C CYS A 116 -1.82 -13.41 -9.25
N VAL A 117 -2.00 -13.29 -10.57
CA VAL A 117 -2.76 -14.27 -11.33
C VAL A 117 -1.83 -15.00 -12.29
N GLU A 118 -1.79 -16.33 -12.19
CA GLU A 118 -0.95 -17.14 -13.07
C GLU A 118 -1.84 -17.76 -14.13
N ASN A 119 -1.40 -17.73 -15.38
CA ASN A 119 -2.20 -18.32 -16.44
C ASN A 119 -2.25 -19.83 -16.25
N ASP A 120 -3.11 -20.49 -17.01
CA ASP A 120 -3.27 -21.93 -16.88
C ASP A 120 -2.04 -22.79 -17.13
N ASP A 121 -1.06 -22.27 -17.84
CA ASP A 121 0.16 -23.04 -18.07
C ASP A 121 0.97 -23.00 -16.79
N GLY A 122 1.07 -21.80 -16.20
CA GLY A 122 1.82 -21.64 -14.97
C GLY A 122 2.65 -20.38 -14.96
N TYR A 123 2.41 -19.52 -15.96
CA TYR A 123 3.13 -18.27 -16.09
C TYR A 123 2.34 -17.08 -15.58
N PHE A 124 3.04 -16.09 -15.03
CA PHE A 124 2.39 -14.90 -14.50
C PHE A 124 1.56 -14.24 -15.60
N ALA A 125 0.26 -14.11 -15.36
CA ALA A 125 -0.65 -13.52 -16.33
C ALA A 125 -1.08 -12.09 -15.99
N GLY A 126 -0.95 -11.71 -14.73
CA GLY A 126 -1.36 -10.38 -14.32
C GLY A 126 -1.69 -10.28 -12.85
N ILE A 127 -2.50 -9.29 -12.49
CA ILE A 127 -2.88 -9.09 -11.10
C ILE A 127 -4.33 -8.72 -10.85
N PHE A 128 -4.86 -9.20 -9.72
CA PHE A 128 -6.23 -8.92 -9.30
C PHE A 128 -6.11 -7.89 -8.17
N THR A 129 -6.71 -6.72 -8.36
CA THR A 129 -6.60 -5.66 -7.36
C THR A 129 -7.89 -5.26 -6.65
N ARG A 130 -7.71 -4.41 -5.64
CA ARG A 130 -8.81 -3.88 -4.85
C ARG A 130 -9.44 -2.71 -5.59
N ARG A 131 -8.60 -1.94 -6.26
CA ARG A 131 -9.06 -0.78 -7.01
C ARG A 131 -10.03 -1.21 -8.10
N GLU A 132 -9.62 -2.17 -8.93
CA GLU A 132 -10.48 -2.64 -10.01
C GLU A 132 -11.80 -3.19 -9.48
N VAL A 133 -11.77 -3.86 -8.34
CA VAL A 133 -13.00 -4.39 -7.75
C VAL A 133 -13.85 -3.25 -7.21
N LEU A 134 -13.23 -2.37 -6.45
CA LEU A 134 -13.93 -1.22 -5.87
C LEU A 134 -14.46 -0.30 -6.96
N LYS A 135 -13.68 -0.17 -8.03
CA LYS A 135 -14.03 0.66 -9.17
C LYS A 135 -15.44 0.28 -9.64
N GLN A 136 -15.65 -1.01 -9.86
CA GLN A 136 -16.93 -1.53 -10.30
C GLN A 136 -18.01 -1.23 -9.26
N LEU A 137 -17.73 -1.59 -8.01
CA LEU A 137 -18.67 -1.36 -6.92
C LEU A 137 -19.25 0.05 -6.92
N ASN A 138 -18.38 1.05 -7.03
CA ASN A 138 -18.82 2.44 -7.04
C ASN A 138 -19.94 2.64 -8.05
N LYS A 139 -19.70 2.23 -9.29
CA LYS A 139 -20.68 2.36 -10.38
C LYS A 139 -22.02 1.70 -10.07
N GLN A 140 -21.99 0.52 -9.49
CA GLN A 140 -23.20 -0.17 -9.15
C GLN A 140 -23.96 0.59 -8.07
N LEU A 141 -23.45 1.76 -7.69
CA LEU A 141 -24.15 2.58 -6.73
C LEU A 141 -24.37 3.89 -7.45
N HIS A 142 -23.23 4.56 -7.65
CA HIS A 142 -23.01 5.85 -8.33
C HIS A 142 -22.25 6.91 -7.48
N ARG A 143 -21.05 7.24 -7.98
CA ARG A 143 -20.05 8.17 -7.42
C ARG A 143 -20.34 9.48 -6.71
N PRO A 144 -19.30 10.07 -6.07
CA PRO A 144 -19.33 11.34 -5.32
C PRO A 144 -19.37 12.58 -6.24
N MET B 9 -30.33 3.41 2.89
CA MET B 9 -30.23 4.28 1.69
C MET B 9 -28.87 4.96 1.67
N GLN B 10 -28.73 6.01 2.49
CA GLN B 10 -27.48 6.76 2.61
C GLN B 10 -26.85 6.47 3.97
N MET B 11 -26.07 5.39 4.09
CA MET B 11 -25.43 5.08 5.36
C MET B 11 -24.42 6.20 5.57
N THR B 12 -23.50 6.02 6.50
CA THR B 12 -22.53 7.07 6.74
C THR B 12 -21.18 6.49 7.20
N VAL B 13 -20.15 7.33 7.20
CA VAL B 13 -18.80 6.90 7.57
C VAL B 13 -18.69 6.18 8.92
N LYS B 14 -19.07 6.87 9.99
CA LYS B 14 -19.04 6.36 11.35
C LYS B 14 -18.89 4.83 11.58
N PRO B 15 -19.85 4.03 11.11
CA PRO B 15 -19.88 2.55 11.25
C PRO B 15 -18.62 1.82 10.81
N PHE B 16 -17.99 2.28 9.72
CA PHE B 16 -16.79 1.62 9.22
C PHE B 16 -15.53 2.11 9.91
N LEU B 17 -15.60 3.32 10.43
CA LEU B 17 -14.48 3.94 11.13
C LEU B 17 -13.59 3.00 11.92
N ILE B 18 -12.30 3.29 11.89
CA ILE B 18 -11.31 2.54 12.64
C ILE B 18 -10.68 3.57 13.57
N PRO B 19 -11.02 3.49 14.86
CA PRO B 19 -10.50 4.42 15.88
C PRO B 19 -9.04 4.77 15.71
N ALA B 20 -8.70 6.01 16.04
CA ALA B 20 -7.34 6.51 15.91
C ALA B 20 -6.31 5.80 16.79
N ASP B 21 -6.74 5.30 17.94
CA ASP B 21 -5.80 4.62 18.85
C ASP B 21 -5.32 3.28 18.31
N LYS B 22 -6.00 2.76 17.30
CA LYS B 22 -5.62 1.48 16.69
C LYS B 22 -4.85 1.77 15.41
N VAL B 23 -4.54 3.05 15.19
CA VAL B 23 -3.82 3.50 14.01
C VAL B 23 -2.49 4.17 14.35
N ALA B 24 -1.39 3.63 13.82
CA ALA B 24 -0.06 4.18 14.07
C ALA B 24 0.06 5.56 13.41
N HIS B 25 0.92 6.41 13.97
CA HIS B 25 1.10 7.75 13.43
C HIS B 25 2.47 8.37 13.76
N VAL B 26 2.71 9.56 13.24
CA VAL B 26 3.97 10.28 13.46
C VAL B 26 3.75 11.80 13.42
N GLN B 27 4.69 12.54 14.00
CA GLN B 27 4.62 13.99 14.07
C GLN B 27 5.48 14.68 13.02
N PRO B 28 5.04 15.85 12.53
CA PRO B 28 5.80 16.59 11.52
C PRO B 28 7.23 16.87 11.96
N GLY B 29 7.48 16.79 13.26
CA GLY B 29 8.81 17.05 13.78
C GLY B 29 9.75 15.87 13.78
N ASN B 30 9.21 14.66 13.65
CA ASN B 30 10.02 13.45 13.65
C ASN B 30 10.94 13.34 12.44
N TYR B 31 12.08 12.66 12.63
CA TYR B 31 13.05 12.45 11.57
C TYR B 31 12.55 11.29 10.71
N LEU B 32 12.84 11.37 9.43
CA LEU B 32 12.42 10.34 8.48
C LEU B 32 12.81 8.93 8.91
N ASP B 33 14.05 8.74 9.34
CA ASP B 33 14.49 7.40 9.76
C ASP B 33 13.57 6.85 10.85
N HIS B 34 12.88 7.73 11.56
CA HIS B 34 11.96 7.30 12.60
C HIS B 34 10.64 6.89 11.96
N ALA B 35 10.16 7.71 11.04
CA ALA B 35 8.91 7.42 10.34
C ALA B 35 9.16 6.12 9.59
N LEU B 36 10.32 6.04 8.95
CA LEU B 36 10.72 4.86 8.20
C LEU B 36 10.55 3.63 9.09
N LEU B 37 11.08 3.71 10.30
CA LEU B 37 11.01 2.62 11.26
C LEU B 37 9.57 2.24 11.61
N VAL B 38 8.70 3.23 11.76
CA VAL B 38 7.30 2.97 12.11
C VAL B 38 6.53 2.29 10.98
N LEU B 39 6.72 2.78 9.75
CA LEU B 39 6.03 2.20 8.60
C LEU B 39 6.43 0.73 8.41
N THR B 40 7.66 0.40 8.77
CA THR B 40 8.18 -0.96 8.63
C THR B 40 7.53 -1.94 9.59
N LYS B 41 6.84 -1.42 10.60
CA LYS B 41 6.17 -2.25 11.59
C LYS B 41 4.69 -2.38 11.33
N THR B 42 4.16 -1.48 10.50
CA THR B 42 2.73 -1.47 10.20
C THR B 42 2.32 -1.89 8.78
N GLY B 43 1.24 -2.66 8.70
CA GLY B 43 0.73 -3.13 7.42
C GLY B 43 -0.08 -2.10 6.66
N TYR B 44 0.35 -0.84 6.70
CA TYR B 44 -0.36 0.23 6.00
C TYR B 44 0.50 0.92 4.96
N SER B 45 -0.13 1.33 3.88
CA SER B 45 0.53 2.00 2.78
C SER B 45 1.31 3.21 3.29
N ALA B 46 0.65 4.04 4.09
CA ALA B 46 1.26 5.23 4.66
C ALA B 46 0.66 5.44 6.05
N ILE B 47 1.14 6.44 6.77
CA ILE B 47 0.62 6.74 8.09
C ILE B 47 0.30 8.22 8.22
N PRO B 48 -0.73 8.54 9.01
CA PRO B 48 -1.13 9.93 9.21
C PRO B 48 -0.08 10.68 10.03
N VAL B 49 0.03 11.98 9.79
CA VAL B 49 0.99 12.82 10.51
C VAL B 49 0.21 13.76 11.41
N LEU B 50 0.27 13.52 12.71
CA LEU B 50 -0.44 14.34 13.68
C LEU B 50 0.51 15.19 14.51
N ASP B 51 0.12 16.42 14.79
CA ASP B 51 0.94 17.28 15.64
C ASP B 51 0.58 16.78 17.02
N THR B 52 1.15 17.36 18.07
CA THR B 52 0.84 16.88 19.41
C THR B 52 -0.56 17.32 19.86
N SER B 53 -1.16 18.25 19.12
CA SER B 53 -2.52 18.71 19.43
C SER B 53 -3.48 17.65 18.93
N TYR B 54 -2.91 16.72 18.15
CA TYR B 54 -3.65 15.61 17.56
C TYR B 54 -4.46 16.06 16.35
N LYS B 55 -3.87 16.95 15.55
CA LYS B 55 -4.56 17.44 14.37
C LYS B 55 -3.81 17.16 13.08
N LEU B 56 -4.44 16.34 12.25
CA LEU B 56 -3.92 15.90 10.98
C LEU B 56 -3.24 16.99 10.15
N HIS B 57 -2.03 16.69 9.68
CA HIS B 57 -1.25 17.63 8.88
C HIS B 57 -0.98 17.04 7.50
N GLY B 58 -1.09 15.71 7.39
CA GLY B 58 -0.85 15.06 6.11
C GLY B 58 -0.46 13.60 6.28
N LEU B 59 0.02 13.01 5.19
CA LEU B 59 0.43 11.62 5.20
C LEU B 59 1.87 11.47 4.74
N ILE B 60 2.52 10.42 5.24
CA ILE B 60 3.91 10.13 4.89
C ILE B 60 3.98 8.67 4.46
N SER B 61 4.79 8.40 3.44
CA SER B 61 4.94 7.03 2.95
C SER B 61 6.40 6.75 2.65
N MET B 62 6.74 5.47 2.60
CA MET B 62 8.11 5.05 2.32
C MET B 62 8.53 5.58 0.96
N THR B 63 7.57 5.59 0.03
CA THR B 63 7.82 6.08 -1.32
C THR B 63 8.15 7.58 -1.33
N MET B 64 7.46 8.35 -0.50
CA MET B 64 7.70 9.78 -0.41
C MET B 64 9.10 10.04 0.12
N MET B 65 9.51 9.24 1.10
CA MET B 65 10.83 9.38 1.71
C MET B 65 11.93 9.02 0.71
N MET B 66 11.82 7.85 0.09
CA MET B 66 12.81 7.42 -0.89
C MET B 66 12.98 8.40 -2.03
N ASP B 67 11.86 8.95 -2.51
CA ASP B 67 11.89 9.90 -3.62
C ASP B 67 12.54 11.24 -3.31
N ALA B 68 12.43 11.70 -2.07
CA ALA B 68 13.02 12.97 -1.69
C ALA B 68 14.53 12.86 -1.60
N ILE B 69 15.03 11.63 -1.59
CA ILE B 69 16.47 11.41 -1.50
C ILE B 69 17.10 10.72 -2.70
N LEU B 70 16.34 10.56 -3.78
CA LEU B 70 16.88 9.94 -4.98
C LEU B 70 17.80 10.99 -5.60
N GLY B 71 19.07 10.66 -5.75
CA GLY B 71 20.00 11.62 -6.33
C GLY B 71 20.50 11.18 -7.69
N LEU B 72 21.23 12.07 -8.34
CA LEU B 72 21.78 11.77 -9.65
C LEU B 72 22.84 10.68 -9.52
N GLU B 73 23.79 10.90 -8.63
CA GLU B 73 24.86 9.94 -8.42
C GLU B 73 24.54 8.81 -7.44
N ARG B 74 23.45 8.94 -6.68
CA ARG B 74 23.11 7.89 -5.73
C ARG B 74 21.87 8.20 -4.89
N ILE B 75 21.48 7.22 -4.09
CA ILE B 75 20.34 7.35 -3.19
C ILE B 75 20.97 7.83 -1.88
N GLU B 76 20.80 9.11 -1.55
CA GLU B 76 21.39 9.70 -0.36
C GLU B 76 20.67 9.33 0.94
N PHE B 77 20.92 8.10 1.38
CA PHE B 77 20.32 7.52 2.59
C PHE B 77 20.60 8.25 3.90
N GLU B 78 21.75 8.92 4.02
CA GLU B 78 22.09 9.62 5.25
C GLU B 78 21.14 10.74 5.64
N ARG B 79 20.51 11.38 4.65
CA ARG B 79 19.60 12.48 4.90
C ARG B 79 18.32 12.09 5.63
N LEU B 80 18.11 10.79 5.84
CA LEU B 80 16.91 10.33 6.53
C LEU B 80 17.03 10.60 8.03
N GLU B 81 18.27 10.72 8.50
CA GLU B 81 18.52 10.98 9.92
C GLU B 81 18.56 12.48 10.18
N THR B 82 18.36 13.28 9.13
CA THR B 82 18.39 14.74 9.24
C THR B 82 17.06 15.44 8.97
N MET B 83 16.43 15.09 7.86
CA MET B 83 15.16 15.71 7.48
C MET B 83 14.00 15.31 8.39
N LYS B 84 13.17 16.29 8.74
CA LYS B 84 12.01 16.03 9.58
C LYS B 84 10.88 15.57 8.66
N VAL B 85 9.89 14.89 9.23
CA VAL B 85 8.75 14.37 8.47
C VAL B 85 8.00 15.42 7.65
N GLU B 86 8.06 16.68 8.08
CA GLU B 86 7.39 17.77 7.41
C GLU B 86 7.98 18.16 6.06
N GLU B 87 9.21 17.72 5.80
CA GLU B 87 9.88 18.05 4.55
C GLU B 87 9.45 17.20 3.36
N VAL B 88 8.68 16.14 3.62
CA VAL B 88 8.25 15.28 2.52
C VAL B 88 6.80 14.79 2.59
N MET B 89 6.16 14.95 3.74
CA MET B 89 4.77 14.51 3.88
C MET B 89 3.85 15.25 2.92
N ASN B 90 2.87 14.54 2.37
CA ASN B 90 1.91 15.14 1.45
C ASN B 90 0.86 15.86 2.26
N ARG B 91 0.88 17.19 2.19
CA ARG B 91 -0.07 18.02 2.92
C ARG B 91 -1.39 18.11 2.17
N ASN B 92 -1.38 17.68 0.91
CA ASN B 92 -2.56 17.72 0.05
C ASN B 92 -3.25 16.35 0.00
N ILE B 93 -3.97 16.00 1.06
CA ILE B 93 -4.67 14.72 1.13
C ILE B 93 -6.17 14.87 1.38
N PRO B 94 -6.95 13.87 0.94
CA PRO B 94 -8.40 13.93 1.15
C PRO B 94 -8.72 13.70 2.62
N ARG B 95 -9.78 14.33 3.11
CA ARG B 95 -10.17 14.16 4.50
C ARG B 95 -11.67 13.93 4.55
N LEU B 96 -12.13 13.32 5.63
CA LEU B 96 -13.54 13.08 5.80
C LEU B 96 -14.00 13.66 7.10
N ARG B 97 -15.20 13.25 7.50
CA ARG B 97 -15.81 13.71 8.73
C ARG B 97 -16.77 12.57 9.09
N LEU B 98 -17.06 12.40 10.37
CA LEU B 98 -17.94 11.31 10.77
C LEU B 98 -19.33 11.40 10.13
N ASP B 99 -19.69 12.57 9.60
CA ASP B 99 -21.00 12.73 8.98
C ASP B 99 -21.05 12.86 7.46
N ASP B 100 -20.00 12.43 6.76
CA ASP B 100 -20.02 12.50 5.30
C ASP B 100 -20.66 11.22 4.76
N SER B 101 -21.31 11.31 3.60
CA SER B 101 -21.97 10.15 3.01
C SER B 101 -21.03 8.98 2.77
N LEU B 102 -21.62 7.78 2.73
CA LEU B 102 -20.86 6.57 2.49
C LEU B 102 -20.53 6.45 1.00
N MET B 103 -21.34 7.09 0.18
CA MET B 103 -21.14 7.07 -1.27
C MET B 103 -19.95 7.92 -1.66
N LYS B 104 -19.71 8.97 -0.87
CA LYS B 104 -18.60 9.87 -1.10
C LYS B 104 -17.33 9.19 -0.63
N ALA B 105 -17.46 8.41 0.44
CA ALA B 105 -16.34 7.70 1.03
C ALA B 105 -15.84 6.59 0.10
N VAL B 106 -16.77 5.84 -0.48
CA VAL B 106 -16.42 4.75 -1.38
C VAL B 106 -15.72 5.30 -2.63
N GLY B 107 -16.19 6.43 -3.12
CA GLY B 107 -15.58 7.03 -4.29
C GLY B 107 -14.13 7.39 -4.01
N LEU B 108 -13.87 7.88 -2.80
CA LEU B 108 -12.53 8.27 -2.39
C LEU B 108 -11.55 7.10 -2.22
N ILE B 109 -12.01 6.01 -1.63
CA ILE B 109 -11.10 4.88 -1.43
C ILE B 109 -10.90 4.01 -2.67
N VAL B 110 -11.43 4.45 -3.80
CA VAL B 110 -11.22 3.71 -5.03
C VAL B 110 -9.80 4.10 -5.42
N ASN B 111 -9.48 5.37 -5.17
CA ASN B 111 -8.16 5.94 -5.46
C ASN B 111 -7.22 5.94 -4.26
N HIS B 112 -7.77 5.76 -3.06
CA HIS B 112 -6.96 5.77 -1.85
C HIS B 112 -7.14 4.52 -0.99
N PRO B 113 -6.04 3.85 -0.64
CA PRO B 113 -6.15 2.64 0.19
C PRO B 113 -6.92 2.92 1.47
N PHE B 114 -6.79 4.15 1.98
CA PHE B 114 -7.51 4.56 3.19
C PHE B 114 -7.58 6.09 3.26
N VAL B 115 -8.61 6.61 3.91
CA VAL B 115 -8.79 8.06 4.03
C VAL B 115 -8.92 8.45 5.49
N CYS B 116 -8.29 9.57 5.85
CA CYS B 116 -8.32 10.09 7.21
C CYS B 116 -9.66 10.72 7.60
N VAL B 117 -10.04 10.54 8.86
CA VAL B 117 -11.30 11.05 9.37
C VAL B 117 -11.11 11.96 10.59
N GLU B 118 -11.64 13.18 10.50
CA GLU B 118 -11.55 14.16 11.58
C GLU B 118 -12.94 14.38 12.18
N ASN B 119 -13.08 14.20 13.49
CA ASN B 119 -14.38 14.43 14.10
C ASN B 119 -14.70 15.91 14.00
N ASP B 120 -15.96 16.28 14.17
CA ASP B 120 -16.38 17.68 14.07
C ASP B 120 -15.48 18.65 14.83
N ASP B 121 -14.74 18.17 15.80
CA ASP B 121 -13.83 19.01 16.58
C ASP B 121 -12.58 19.36 15.80
N GLY B 122 -12.35 18.66 14.68
CA GLY B 122 -11.19 18.91 13.86
C GLY B 122 -10.02 18.07 14.33
N TYR B 123 -10.31 17.03 15.11
CA TYR B 123 -9.26 16.13 15.62
C TYR B 123 -9.24 14.83 14.80
N PHE B 124 -8.08 14.21 14.70
CA PHE B 124 -7.98 12.96 13.96
C PHE B 124 -8.78 11.94 14.78
N ALA B 125 -9.64 11.18 14.12
CA ALA B 125 -10.46 10.20 14.83
C ALA B 125 -10.35 8.78 14.30
N GLY B 126 -9.50 8.57 13.31
CA GLY B 126 -9.35 7.23 12.75
C GLY B 126 -9.23 7.24 11.25
N ILE B 127 -9.38 6.08 10.63
CA ILE B 127 -9.27 5.98 9.18
C ILE B 127 -10.34 5.14 8.52
N PHE B 128 -10.77 5.60 7.35
CA PHE B 128 -11.76 4.89 6.54
C PHE B 128 -10.88 4.10 5.58
N THR B 129 -11.04 2.78 5.56
CA THR B 129 -10.18 1.94 4.71
C THR B 129 -10.89 1.05 3.70
N ARG B 130 -10.13 0.62 2.70
CA ARG B 130 -10.63 -0.26 1.65
C ARG B 130 -10.97 -1.62 2.24
N ARG B 131 -10.04 -2.17 3.01
CA ARG B 131 -10.24 -3.47 3.62
C ARG B 131 -11.55 -3.59 4.39
N GLU B 132 -11.91 -2.55 5.13
CA GLU B 132 -13.14 -2.57 5.90
C GLU B 132 -14.41 -2.51 5.04
N VAL B 133 -14.31 -1.89 3.87
CA VAL B 133 -15.47 -1.80 2.97
C VAL B 133 -15.60 -3.10 2.20
N LEU B 134 -14.45 -3.71 1.90
CA LEU B 134 -14.41 -4.98 1.19
C LEU B 134 -14.81 -6.12 2.10
N LYS B 135 -14.59 -5.94 3.40
CA LYS B 135 -14.93 -6.93 4.40
C LYS B 135 -16.45 -7.01 4.44
N GLN B 136 -17.08 -5.85 4.43
CA GLN B 136 -18.54 -5.72 4.45
C GLN B 136 -19.14 -6.33 3.18
N LEU B 137 -18.64 -5.88 2.03
CA LEU B 137 -19.12 -6.38 0.74
C LEU B 137 -19.00 -7.89 0.60
N ASN B 138 -17.91 -8.44 1.12
CA ASN B 138 -17.72 -9.88 1.05
C ASN B 138 -18.80 -10.64 1.78
N LYS B 139 -19.41 -10.03 2.80
CA LYS B 139 -20.48 -10.68 3.55
C LYS B 139 -21.75 -10.49 2.75
N GLN B 140 -22.00 -9.25 2.33
CA GLN B 140 -23.17 -8.93 1.53
C GLN B 140 -23.30 -9.96 0.44
N LEU B 141 -22.30 -10.82 0.30
CA LEU B 141 -22.34 -11.85 -0.73
C LEU B 141 -22.40 -13.23 -0.06
#